data_2MCP
#
_entry.id   2MCP
#
_cell.length_a   162.531
_cell.length_b   162.531
_cell.length_c   60.719
_cell.angle_alpha   90.00
_cell.angle_beta   90.00
_cell.angle_gamma   120.00
#
_symmetry.space_group_name_H-M   'P 63'
#
loop_
_entity.id
_entity.type
_entity.pdbx_description
1 polymer 'IGA-KAPPA MCPC603 FAB (LIGHT CHAIN)'
2 polymer 'IGA-KAPPA MCPC603 FAB (HEAVY CHAIN)'
3 non-polymer PHOSPHOCHOLINE
#
loop_
_entity_poly.entity_id
_entity_poly.type
_entity_poly.pdbx_seq_one_letter_code
_entity_poly.pdbx_strand_id
1 'polypeptide(L)'
;DIVMTQSPSSLSVSAGERVTMSCKSSQSLLNSGNQKNFLAWYQQKPGQPPKLLIYGASTRESGVPDRFTGSGSGTDFTLT
ISSVQAEDLAVYYCQNDHSYPLTFGAGTKLEIKRADAAPTVSIFPPSSEQLTSGGASVVCFLNNFYPKDINVKWKIDGSE
RQNGVLNSWTDQDSKDSTYSMSSTLTLTKDEYERHNSYTCEATHKTSTSPIVKSFNRNEC
;
L
2 'polypeptide(L)'
;EVKLVESGGGLVQPGGSLRLSCATSGFTFSDFYMEWVRQPPGKRLEWIAASRNKGNKYTTEYSASVKGRFIVSRDTSQSI
LYLQMNALRAEDTAIYYCARNYYGSTWYFDVWGAGTTVTVSSESARNPTIYPLTLPPALSSDPVIIGCLIHDYFPSGTMN
VTWGKSGKDITTVNFPPALASGGRYTMSNQLTLPAVECPEGESVKCSVQHDSNPVQELDVNC
;
H
#
loop_
_chem_comp.id
_chem_comp.type
_chem_comp.name
_chem_comp.formula
PC non-polymer PHOSPHOCHOLINE 'C5 H15 N O4 P 1'
#
# COMPACT_ATOMS: atom_id res chain seq x y z
N ASP A 1 8.29 28.25 -5.90
CA ASP A 1 7.72 27.14 -5.10
C ASP A 1 7.82 27.42 -3.61
N ILE A 2 6.92 26.80 -2.89
CA ILE A 2 6.86 26.96 -1.37
C ILE A 2 7.16 25.58 -0.82
N VAL A 3 8.16 25.44 0.00
CA VAL A 3 8.60 24.17 0.59
C VAL A 3 7.95 23.86 1.92
N MET A 4 7.54 22.60 2.10
CA MET A 4 6.91 22.13 3.33
C MET A 4 7.90 21.22 4.08
N THR A 5 8.47 21.73 5.15
CA THR A 5 9.42 20.99 5.97
C THR A 5 8.74 20.34 7.18
N GLN A 6 8.68 19.03 7.17
CA GLN A 6 8.07 18.23 8.23
C GLN A 6 9.13 17.41 8.98
N SER A 7 9.03 17.42 10.28
CA SER A 7 9.93 16.66 11.18
C SER A 7 9.17 16.26 12.45
N PRO A 8 9.54 15.18 13.11
CA PRO A 8 10.63 14.28 12.72
C PRO A 8 10.08 13.60 11.45
N SER A 9 10.90 12.80 10.83
CA SER A 9 10.46 12.12 9.59
C SER A 9 9.96 10.73 10.00
N SER A 10 10.22 10.40 11.25
CA SER A 10 9.80 9.10 11.81
C SER A 10 9.48 9.36 13.27
N LEU A 11 8.58 8.60 13.83
CA LEU A 11 8.15 8.72 15.24
C LEU A 11 7.81 7.31 15.71
N SER A 12 8.37 6.91 16.83
CA SER A 12 8.09 5.55 17.36
C SER A 12 7.60 5.68 18.79
N VAL A 13 6.29 5.57 18.95
CA VAL A 13 5.69 5.72 20.29
C VAL A 13 5.09 4.42 20.78
N SER A 14 5.02 4.30 22.09
CA SER A 14 4.48 3.12 22.77
C SER A 14 2.98 3.06 22.85
N ALA A 15 2.31 4.10 22.42
CA ALA A 15 0.84 4.17 22.41
C ALA A 15 0.37 4.53 23.83
N GLY A 16 -0.62 5.39 23.83
CA GLY A 16 -1.24 5.91 25.07
C GLY A 16 -0.43 7.20 25.39
N GLU A 17 0.58 7.35 24.56
CA GLU A 17 1.52 8.47 24.60
C GLU A 17 0.83 9.64 23.88
N ARG A 18 1.45 10.77 23.93
CA ARG A 18 0.99 12.02 23.28
C ARG A 18 2.19 12.40 22.40
N VAL A 19 1.94 12.82 21.19
CA VAL A 19 3.08 13.17 20.31
C VAL A 19 2.79 14.47 19.59
N THR A 20 3.83 15.02 18.97
CA THR A 20 3.71 16.27 18.22
C THR A 20 4.71 16.31 17.08
N MET A 21 4.14 16.34 15.89
CA MET A 21 4.90 16.41 14.64
C MET A 21 4.84 17.90 14.30
N SER A 22 5.82 18.39 13.60
CA SER A 22 5.89 19.80 13.22
C SER A 22 5.92 19.88 11.70
N CYS A 23 5.62 21.08 11.22
CA CYS A 23 5.57 21.37 9.79
C CYS A 23 5.62 22.88 9.55
N LYS A 24 6.79 23.29 9.08
CA LYS A 24 7.07 24.68 8.76
C LYS A 24 7.14 24.83 7.24
N SER A 25 6.74 26.00 6.81
CA SER A 25 6.73 26.39 5.40
C SER A 25 7.76 27.50 5.19
N SER A 26 8.25 27.56 3.98
CA SER A 26 9.25 28.57 3.58
C SER A 26 8.54 29.89 3.30
N GLN A 27 7.22 29.85 3.27
CA GLN A 27 6.40 31.03 3.01
C GLN A 27 5.11 31.04 3.82
N SER A 28 4.82 32.25 4.31
CA SER A 28 3.63 32.51 5.12
C SER A 28 2.45 31.91 4.32
N LEU A 29 1.60 31.24 5.06
CA LEU A 29 0.44 30.59 4.46
C LEU A 29 -0.82 31.37 4.77
N LEU A 30 -0.69 32.19 5.78
CA LEU A 30 -1.75 33.02 6.29
C LEU A 30 -2.17 34.19 5.42
N ASN A 31 -3.50 34.24 5.27
CA ASN A 31 -4.14 35.32 4.52
C ASN A 31 -3.73 36.60 5.30
N SER A 32 -3.57 37.64 4.53
CA SER A 32 -3.20 38.96 5.09
C SER A 32 -4.49 39.78 5.00
N GLY A 33 -5.56 39.07 4.62
CA GLY A 33 -6.87 39.69 4.45
C GLY A 33 -8.02 39.04 5.15
N ASN A 34 -8.01 37.71 5.20
CA ASN A 34 -9.14 37.00 5.89
C ASN A 34 -8.55 36.47 7.20
N GLN A 35 -7.24 36.34 7.18
CA GLN A 35 -6.51 35.86 8.36
C GLN A 35 -6.96 34.45 8.70
N LYS A 36 -6.34 33.55 8.00
CA LYS A 36 -6.51 32.09 8.09
C LYS A 36 -5.28 31.55 7.31
N ASN A 37 -4.72 30.46 7.76
CA ASN A 37 -3.55 29.96 6.98
C ASN A 37 -4.19 28.89 6.07
N PHE A 38 -3.61 28.72 4.92
CA PHE A 38 -4.10 27.73 3.95
C PHE A 38 -3.22 26.48 4.02
N LEU A 39 -3.28 25.83 5.17
CA LEU A 39 -2.49 24.62 5.40
C LEU A 39 -3.33 23.45 5.86
N ALA A 40 -3.22 22.30 5.23
CA ALA A 40 -4.01 21.12 5.64
C ALA A 40 -3.09 19.98 6.08
N TRP A 41 -3.65 19.15 6.93
CA TRP A 41 -2.94 17.96 7.46
C TRP A 41 -3.71 16.74 6.93
N TYR A 42 -3.01 15.80 6.36
CA TYR A 42 -3.62 14.59 5.82
C TYR A 42 -3.04 13.38 6.55
N GLN A 43 -3.85 12.36 6.63
CA GLN A 43 -3.44 11.10 7.29
C GLN A 43 -3.46 10.06 6.17
N GLN A 44 -2.37 9.34 6.04
CA GLN A 44 -2.32 8.31 4.98
C GLN A 44 -1.89 6.95 5.55
N LYS A 45 -2.92 6.16 5.80
CA LYS A 45 -2.77 4.79 6.33
C LYS A 45 -2.20 3.92 5.23
N PRO A 46 -1.59 2.81 5.63
CA PRO A 46 -0.99 1.84 4.71
C PRO A 46 -1.97 1.41 3.63
N GLY A 47 -1.54 1.72 2.41
CA GLY A 47 -2.24 1.43 1.18
C GLY A 47 -3.67 1.90 1.10
N GLN A 48 -3.86 3.13 1.47
CA GLN A 48 -5.16 3.83 1.48
C GLN A 48 -4.84 5.26 0.99
N PRO A 49 -5.81 5.88 0.36
CA PRO A 49 -5.64 7.26 -0.13
C PRO A 49 -5.58 8.16 1.09
N PRO A 50 -5.10 9.35 0.90
CA PRO A 50 -4.99 10.31 2.03
C PRO A 50 -6.41 10.59 2.52
N LYS A 51 -6.52 11.15 3.70
CA LYS A 51 -7.84 11.48 4.27
C LYS A 51 -7.68 12.80 4.99
N LEU A 52 -8.63 13.70 4.77
CA LEU A 52 -8.57 15.04 5.39
C LEU A 52 -8.48 14.90 6.91
N LEU A 53 -7.45 15.54 7.44
CA LEU A 53 -7.22 15.50 8.90
C LEU A 53 -7.54 16.83 9.53
N ILE A 54 -6.85 17.87 9.18
CA ILE A 54 -7.04 19.22 9.73
C ILE A 54 -7.05 20.24 8.60
N TYR A 55 -7.93 21.20 8.67
CA TYR A 55 -8.04 22.28 7.66
C TYR A 55 -7.90 23.62 8.36
N GLY A 56 -7.54 24.64 7.59
CA GLY A 56 -7.30 25.99 8.30
C GLY A 56 -6.07 25.47 9.09
N ALA A 57 -5.57 25.95 10.16
CA ALA A 57 -4.39 25.24 10.73
C ALA A 57 -4.82 24.32 11.85
N SER A 58 -5.99 24.58 12.41
CA SER A 58 -6.60 23.90 13.52
C SER A 58 -7.95 23.25 13.45
N THR A 59 -8.70 23.43 12.37
CA THR A 59 -10.03 22.82 12.24
C THR A 59 -9.91 21.31 12.01
N ARG A 60 -10.41 20.54 12.95
CA ARG A 60 -10.38 19.05 12.86
C ARG A 60 -11.60 18.67 12.04
N GLU A 61 -11.42 17.84 11.03
CA GLU A 61 -12.55 17.44 10.18
C GLU A 61 -13.54 16.59 10.94
N SER A 62 -14.81 16.80 10.66
CA SER A 62 -15.91 16.06 11.29
C SER A 62 -15.59 14.57 11.17
N GLY A 63 -15.69 13.83 12.25
CA GLY A 63 -15.42 12.40 12.25
C GLY A 63 -14.11 12.00 12.89
N VAL A 64 -13.12 12.83 12.79
CA VAL A 64 -11.76 12.62 13.36
C VAL A 64 -11.85 12.70 14.88
N PRO A 65 -11.21 11.75 15.55
CA PRO A 65 -11.20 11.73 17.02
C PRO A 65 -10.58 13.01 17.54
N ASP A 66 -11.06 13.41 18.71
CA ASP A 66 -10.64 14.63 19.41
C ASP A 66 -9.19 14.49 19.89
N ARG A 67 -8.59 13.37 19.56
CA ARG A 67 -7.20 13.12 19.92
C ARG A 67 -6.31 13.97 19.03
N PHE A 68 -6.77 14.24 17.81
CA PHE A 68 -5.98 15.05 16.87
C PHE A 68 -6.31 16.54 16.98
N THR A 69 -5.23 17.26 17.19
CA THR A 69 -5.26 18.72 17.39
C THR A 69 -4.13 19.38 16.63
N GLY A 70 -4.40 20.56 16.10
CA GLY A 70 -3.41 21.32 15.33
C GLY A 70 -3.41 22.81 15.63
N SER A 71 -2.19 23.31 15.75
CA SER A 71 -1.92 24.71 16.05
C SER A 71 -0.92 25.29 15.06
N GLY A 72 -0.71 26.59 15.30
CA GLY A 72 0.22 27.38 14.50
C GLY A 72 -0.55 28.30 13.54
N SER A 73 0.27 29.13 12.96
CA SER A 73 -0.02 30.16 11.98
C SER A 73 1.37 30.64 11.49
N GLY A 74 1.33 31.34 10.39
CA GLY A 74 2.57 31.85 9.79
C GLY A 74 3.22 30.71 9.00
N THR A 75 4.35 30.27 9.50
CA THR A 75 5.15 29.22 8.87
C THR A 75 5.50 28.01 9.68
N ASP A 76 5.25 27.98 10.97
CA ASP A 76 5.60 26.79 11.79
C ASP A 76 4.33 26.28 12.45
N PHE A 77 3.89 25.15 11.93
CA PHE A 77 2.69 24.42 12.35
C PHE A 77 3.11 23.13 13.03
N THR A 78 2.19 22.62 13.83
CA THR A 78 2.32 21.41 14.58
C THR A 78 1.02 20.60 14.44
N LEU A 79 1.14 19.38 14.87
CA LEU A 79 0.06 18.38 14.89
C LEU A 79 0.42 17.46 16.08
N THR A 80 -0.49 17.39 17.00
CA THR A 80 -0.29 16.58 18.21
C THR A 80 -1.39 15.53 18.30
N ILE A 81 -0.96 14.33 18.61
CA ILE A 81 -1.87 13.18 18.80
C ILE A 81 -1.79 13.02 20.34
N SER A 82 -2.91 13.29 20.97
CA SER A 82 -3.00 13.21 22.43
C SER A 82 -2.73 11.85 23.00
N SER A 83 -3.39 10.82 22.49
CA SER A 83 -3.17 9.45 23.04
C SER A 83 -3.07 8.43 21.93
N VAL A 84 -1.85 8.32 21.40
CA VAL A 84 -1.51 7.42 20.32
C VAL A 84 -2.16 6.05 20.54
N GLN A 85 -2.72 5.56 19.44
CA GLN A 85 -3.41 4.26 19.42
C GLN A 85 -2.97 3.49 18.20
N ALA A 86 -3.12 2.18 18.28
CA ALA A 86 -2.71 1.25 17.25
C ALA A 86 -3.20 1.55 15.86
N GLU A 87 -4.26 2.33 15.68
CA GLU A 87 -4.73 2.60 14.31
C GLU A 87 -4.16 3.92 13.80
N ASP A 88 -3.49 4.64 14.66
CA ASP A 88 -2.85 5.92 14.33
C ASP A 88 -1.68 5.67 13.39
N LEU A 89 -1.32 4.40 13.25
CA LEU A 89 -0.20 3.97 12.39
C LEU A 89 -0.52 4.44 10.97
N ALA A 90 0.24 5.43 10.56
CA ALA A 90 0.08 6.04 9.23
C ALA A 90 1.17 7.07 8.98
N VAL A 91 1.00 7.81 7.92
CA VAL A 91 1.91 8.88 7.48
C VAL A 91 1.08 10.17 7.52
N TYR A 92 1.67 11.20 8.09
CA TYR A 92 1.02 12.52 8.25
C TYR A 92 1.67 13.53 7.35
N TYR A 93 0.91 13.98 6.37
CA TYR A 93 1.37 14.97 5.40
C TYR A 93 0.71 16.30 5.75
N CYS A 94 1.50 17.32 5.60
CA CYS A 94 0.99 18.72 5.85
C CYS A 94 1.05 19.27 4.43
N GLN A 95 0.19 20.17 4.06
CA GLN A 95 0.28 20.67 2.67
C GLN A 95 0.06 22.18 2.63
N ASN A 96 0.60 22.77 1.60
CA ASN A 96 0.45 24.21 1.36
C ASN A 96 -0.72 24.32 0.37
N ASP A 97 -1.87 24.71 0.86
CA ASP A 97 -3.03 24.87 -0.05
C ASP A 97 -3.15 26.40 -0.25
N HIS A 98 -1.98 27.02 -0.15
CA HIS A 98 -1.82 28.46 -0.29
C HIS A 98 -1.78 28.86 -1.76
N SER A 99 -0.76 28.41 -2.48
CA SER A 99 -0.65 28.73 -3.90
C SER A 99 0.12 27.66 -4.68
N TYR A 100 -0.17 27.70 -5.97
CA TYR A 100 0.36 26.81 -6.97
C TYR A 100 1.83 27.06 -7.24
N PRO A 101 2.56 25.99 -7.41
CA PRO A 101 2.11 24.58 -7.34
C PRO A 101 1.93 24.24 -5.87
N LEU A 102 0.88 23.50 -5.57
CA LEU A 102 0.57 23.05 -4.22
C LEU A 102 1.73 22.10 -3.85
N THR A 103 2.10 22.10 -2.60
CA THR A 103 3.20 21.25 -2.15
C THR A 103 2.85 20.51 -0.87
N PHE A 104 3.56 19.41 -0.69
CA PHE A 104 3.37 18.57 0.51
C PHE A 104 4.76 18.48 1.14
N GLY A 105 4.81 17.84 2.28
CA GLY A 105 6.06 17.63 3.02
C GLY A 105 6.37 16.13 2.84
N ALA A 106 7.52 15.76 3.36
CA ALA A 106 7.99 14.36 3.29
C ALA A 106 7.00 13.43 4.00
N GLY A 107 6.40 13.99 5.03
CA GLY A 107 5.41 13.26 5.87
C GLY A 107 6.16 12.81 7.12
N THR A 108 5.44 12.13 7.98
CA THR A 108 5.98 11.59 9.23
C THR A 108 5.32 10.23 9.49
N LYS A 109 6.16 9.22 9.47
CA LYS A 109 5.67 7.84 9.70
C LYS A 109 5.50 7.76 11.22
N LEU A 110 4.37 7.31 11.67
CA LEU A 110 4.13 7.15 13.13
C LEU A 110 4.25 5.61 13.29
N GLU A 111 5.10 5.19 14.16
CA GLU A 111 5.29 3.75 14.43
C GLU A 111 4.96 3.51 15.90
N ILE A 112 4.32 2.38 16.14
CA ILE A 112 3.97 2.00 17.52
C ILE A 112 4.95 0.96 18.04
N LYS A 113 5.38 1.19 19.25
CA LYS A 113 6.31 0.33 20.00
C LYS A 113 5.38 -0.57 20.84
N ARG A 114 5.83 -1.77 21.11
CA ARG A 114 5.00 -2.69 21.92
C ARG A 114 5.94 -3.69 22.58
N ALA A 115 5.35 -4.59 23.36
CA ALA A 115 6.19 -5.60 24.05
C ALA A 115 6.47 -6.69 23.00
N ASP A 116 7.70 -7.16 23.08
CA ASP A 116 8.18 -8.21 22.16
C ASP A 116 7.14 -9.33 22.15
N ALA A 117 6.94 -9.83 20.94
CA ALA A 117 6.00 -10.91 20.64
C ALA A 117 6.75 -11.95 19.80
N ALA A 118 6.39 -13.20 20.01
CA ALA A 118 6.99 -14.34 19.31
C ALA A 118 6.26 -14.71 18.02
N PRO A 119 7.08 -14.98 17.02
CA PRO A 119 6.59 -15.35 15.70
C PRO A 119 6.08 -16.78 15.64
N THR A 120 5.05 -16.91 14.85
CA THR A 120 4.40 -18.22 14.56
C THR A 120 5.05 -18.58 13.22
N VAL A 121 5.54 -19.78 13.06
CA VAL A 121 6.21 -20.10 11.77
C VAL A 121 5.46 -21.20 11.05
N SER A 122 5.55 -21.13 9.73
CA SER A 122 4.86 -22.10 8.86
C SER A 122 5.68 -22.43 7.62
N ILE A 123 5.66 -23.68 7.22
CA ILE A 123 6.35 -24.16 6.03
C ILE A 123 5.30 -24.88 5.15
N PHE A 124 5.24 -24.39 3.94
CA PHE A 124 4.33 -24.92 2.90
C PHE A 124 5.17 -25.50 1.75
N PRO A 125 4.93 -26.76 1.47
CA PRO A 125 5.66 -27.45 0.40
C PRO A 125 5.20 -26.91 -0.96
N PRO A 126 6.06 -27.03 -1.95
CA PRO A 126 5.76 -26.58 -3.32
C PRO A 126 4.53 -27.37 -3.76
N SER A 127 3.75 -26.68 -4.57
CA SER A 127 2.48 -27.24 -5.10
C SER A 127 2.74 -28.19 -6.24
N SER A 128 1.86 -29.17 -6.34
CA SER A 128 1.98 -30.17 -7.44
C SER A 128 1.81 -29.33 -8.73
N GLU A 129 0.65 -28.69 -8.76
CA GLU A 129 0.26 -27.82 -9.85
C GLU A 129 1.40 -26.99 -10.37
N GLN A 130 2.25 -26.49 -9.49
CA GLN A 130 3.39 -25.64 -9.91
C GLN A 130 4.58 -26.47 -10.37
N LEU A 131 4.83 -27.57 -9.67
CA LEU A 131 5.95 -28.45 -9.99
C LEU A 131 6.02 -28.68 -11.50
N THR A 132 4.88 -29.11 -11.98
CA THR A 132 4.65 -29.42 -13.39
C THR A 132 4.78 -28.20 -14.27
N SER A 133 5.84 -27.46 -14.04
CA SER A 133 6.19 -26.24 -14.74
C SER A 133 7.68 -25.93 -14.69
N GLY A 134 8.44 -26.74 -13.99
CA GLY A 134 9.89 -26.52 -13.88
C GLY A 134 10.22 -26.04 -12.48
N GLY A 135 9.43 -25.11 -11.97
CA GLY A 135 9.57 -24.52 -10.66
C GLY A 135 9.01 -25.27 -9.48
N ALA A 136 9.51 -24.85 -8.32
CA ALA A 136 9.19 -25.37 -7.00
C ALA A 136 9.46 -24.26 -5.99
N SER A 137 8.39 -23.88 -5.32
CA SER A 137 8.43 -22.81 -4.32
C SER A 137 8.00 -23.24 -2.93
N VAL A 138 8.97 -23.20 -2.02
CA VAL A 138 8.78 -23.54 -0.62
C VAL A 138 8.67 -22.17 0.08
N VAL A 139 7.46 -21.93 0.57
CA VAL A 139 7.11 -20.68 1.25
C VAL A 139 6.96 -20.95 2.76
N CYS A 140 7.57 -20.04 3.49
CA CYS A 140 7.58 -20.04 4.96
C CYS A 140 7.02 -18.69 5.44
N PHE A 141 6.00 -18.76 6.26
CA PHE A 141 5.39 -17.52 6.76
C PHE A 141 5.69 -17.41 8.27
N LEU A 142 6.02 -16.21 8.68
CA LEU A 142 6.33 -15.87 10.07
C LEU A 142 5.33 -14.80 10.46
N ASN A 143 4.40 -15.07 11.37
CA ASN A 143 3.40 -14.11 11.78
C ASN A 143 3.40 -13.72 13.26
N ASN A 144 3.10 -12.47 13.47
CA ASN A 144 2.94 -11.73 14.69
C ASN A 144 4.12 -11.59 15.64
N PHE A 145 5.20 -11.00 15.15
CA PHE A 145 6.40 -10.80 15.97
C PHE A 145 6.71 -9.32 16.19
N TYR A 146 7.59 -9.11 17.15
CA TYR A 146 8.07 -7.79 17.53
C TYR A 146 9.37 -7.91 18.34
N PRO A 147 10.40 -7.17 17.96
CA PRO A 147 10.47 -6.21 16.88
C PRO A 147 10.54 -6.94 15.53
N LYS A 148 10.55 -6.08 14.51
CA LYS A 148 10.58 -6.53 13.13
C LYS A 148 11.85 -7.27 12.80
N ASP A 149 12.99 -6.78 13.24
CA ASP A 149 14.29 -7.45 12.95
C ASP A 149 14.15 -8.94 13.27
N ILE A 150 14.24 -9.74 12.24
CA ILE A 150 14.13 -11.20 12.30
C ILE A 150 14.82 -11.85 11.12
N ASN A 151 15.87 -12.60 11.39
CA ASN A 151 16.60 -13.26 10.28
C ASN A 151 16.03 -14.70 10.15
N VAL A 152 15.97 -15.10 8.90
CA VAL A 152 15.45 -16.41 8.49
C VAL A 152 16.52 -17.12 7.65
N LYS A 153 16.85 -18.33 8.05
CA LYS A 153 17.85 -19.12 7.31
C LYS A 153 17.11 -20.31 6.67
N TRP A 154 17.52 -20.51 5.42
CA TRP A 154 16.99 -21.56 4.56
C TRP A 154 18.12 -22.55 4.28
N LYS A 155 18.04 -23.62 5.04
CA LYS A 155 19.02 -24.73 4.90
C LYS A 155 18.21 -25.79 4.14
N ILE A 156 18.39 -25.72 2.83
CA ILE A 156 17.75 -26.56 1.84
C ILE A 156 17.67 -28.00 2.33
N ASP A 157 18.79 -28.71 2.31
CA ASP A 157 18.74 -30.12 2.75
C ASP A 157 19.67 -30.44 3.90
N GLY A 158 20.96 -30.47 3.57
CA GLY A 158 21.94 -30.80 4.70
C GLY A 158 21.84 -29.46 5.50
N SER A 159 22.61 -28.57 4.97
CA SER A 159 22.76 -27.17 5.41
C SER A 159 23.02 -26.43 4.09
N GLU A 160 22.36 -25.31 3.95
CA GLU A 160 22.50 -24.47 2.73
C GLU A 160 22.04 -23.09 3.15
N ARG A 161 21.73 -22.25 2.23
CA ARG A 161 21.27 -20.86 2.33
C ARG A 161 21.52 -20.26 0.94
N GLN A 162 20.97 -19.11 0.59
CA GLN A 162 21.27 -18.66 -0.82
C GLN A 162 20.64 -17.38 -1.29
N ASN A 163 20.85 -17.15 -2.59
CA ASN A 163 20.36 -16.01 -3.35
C ASN A 163 19.08 -16.40 -4.11
N GLY A 164 18.58 -17.58 -3.78
CA GLY A 164 17.32 -18.07 -4.40
C GLY A 164 16.16 -17.90 -3.41
N VAL A 165 16.30 -16.92 -2.52
CA VAL A 165 15.29 -16.64 -1.48
C VAL A 165 14.76 -15.21 -1.46
N LEU A 166 13.45 -15.08 -1.44
CA LEU A 166 12.76 -13.80 -1.40
C LEU A 166 12.16 -13.57 -0.02
N ASN A 167 12.19 -12.32 0.42
CA ASN A 167 11.67 -11.95 1.76
C ASN A 167 10.81 -10.71 1.72
N SER A 168 9.70 -10.78 2.44
CA SER A 168 8.73 -9.70 2.52
C SER A 168 8.09 -9.44 3.87
N TRP A 169 8.35 -8.26 4.40
CA TRP A 169 7.78 -7.85 5.69
C TRP A 169 6.43 -7.19 5.34
N THR A 170 5.53 -7.44 6.24
CA THR A 170 4.15 -6.91 6.14
C THR A 170 4.27 -5.52 6.73
N ASP A 171 3.19 -4.77 6.72
CA ASP A 171 3.23 -3.40 7.32
C ASP A 171 3.03 -3.66 8.83
N GLN A 172 3.11 -2.64 9.62
CA GLN A 172 2.89 -2.81 11.09
C GLN A 172 1.38 -3.01 11.22
N ASP A 173 0.98 -4.03 11.96
CA ASP A 173 -0.45 -4.32 12.16
C ASP A 173 -1.15 -3.18 12.92
N SER A 174 -2.25 -2.72 12.34
CA SER A 174 -3.08 -1.65 12.88
C SER A 174 -3.97 -2.13 14.02
N LYS A 175 -3.64 -3.26 14.60
CA LYS A 175 -4.39 -3.85 15.73
C LYS A 175 -3.41 -4.28 16.80
N ASP A 176 -2.33 -4.95 16.41
CA ASP A 176 -1.31 -5.43 17.34
C ASP A 176 0.05 -4.79 17.15
N SER A 177 0.20 -3.94 16.17
CA SER A 177 1.47 -3.26 15.89
C SER A 177 2.61 -4.28 15.82
N THR A 178 2.23 -5.46 15.39
CA THR A 178 3.10 -6.63 15.20
C THR A 178 3.33 -6.79 13.70
N TYR A 179 4.41 -7.46 13.35
CA TYR A 179 4.75 -7.69 11.94
C TYR A 179 4.45 -9.14 11.58
N SER A 180 4.63 -9.40 10.32
CA SER A 180 4.46 -10.67 9.64
C SER A 180 5.45 -10.61 8.46
N MET A 181 5.94 -11.74 8.08
CA MET A 181 6.91 -11.84 6.97
C MET A 181 6.72 -13.23 6.36
N SER A 182 7.12 -13.27 5.13
CA SER A 182 7.08 -14.51 4.34
C SER A 182 8.49 -14.53 3.74
N SER A 183 9.00 -15.73 3.61
CA SER A 183 10.31 -16.00 3.03
C SER A 183 9.99 -17.14 2.00
N THR A 184 10.35 -16.84 0.79
CA THR A 184 10.10 -17.75 -0.32
C THR A 184 11.38 -18.10 -1.05
N LEU A 185 11.67 -19.39 -0.93
CA LEU A 185 12.86 -20.04 -1.56
C LEU A 185 12.24 -20.77 -2.77
N THR A 186 12.64 -20.34 -3.94
CA THR A 186 12.12 -20.96 -5.17
C THR A 186 13.25 -21.48 -6.05
N LEU A 187 13.31 -22.79 -6.15
CA LEU A 187 14.32 -23.53 -6.94
C LEU A 187 13.65 -24.21 -8.13
N THR A 188 14.31 -25.21 -8.68
CA THR A 188 13.74 -25.93 -9.85
C THR A 188 13.21 -27.30 -9.44
N LYS A 189 12.26 -27.78 -10.21
CA LYS A 189 11.60 -29.08 -10.03
C LYS A 189 12.70 -30.13 -9.83
N ASP A 190 13.64 -30.12 -10.75
CA ASP A 190 14.79 -31.03 -10.72
C ASP A 190 15.55 -30.75 -9.38
N GLU A 191 16.03 -29.52 -9.34
CA GLU A 191 16.79 -29.00 -8.20
C GLU A 191 16.12 -29.42 -6.90
N TYR A 192 14.88 -29.01 -6.80
CA TYR A 192 14.02 -29.28 -5.65
C TYR A 192 14.06 -30.78 -5.36
N GLU A 193 13.72 -31.52 -6.41
CA GLU A 193 13.66 -32.96 -6.40
C GLU A 193 14.93 -33.71 -6.10
N ARG A 194 16.01 -33.04 -5.73
CA ARG A 194 17.28 -33.72 -5.39
C ARG A 194 17.25 -34.13 -3.91
N HIS A 195 17.20 -33.14 -3.07
CA HIS A 195 17.17 -33.23 -1.60
C HIS A 195 15.75 -33.55 -1.13
N ASN A 196 15.48 -33.49 0.17
CA ASN A 196 14.09 -33.80 0.59
C ASN A 196 13.68 -33.28 1.95
N SER A 197 14.63 -32.86 2.73
CA SER A 197 14.37 -32.30 4.08
C SER A 197 14.56 -30.78 3.86
N TYR A 198 13.47 -30.07 3.83
CA TYR A 198 13.54 -28.60 3.63
C TYR A 198 13.20 -27.98 4.98
N THR A 199 14.01 -27.00 5.36
CA THR A 199 13.76 -26.35 6.66
C THR A 199 13.80 -24.84 6.63
N CYS A 200 13.05 -24.33 7.59
CA CYS A 200 12.93 -22.87 7.80
C CYS A 200 13.16 -22.64 9.29
N GLU A 201 14.11 -21.74 9.58
CA GLU A 201 14.45 -21.41 10.97
C GLU A 201 14.76 -19.92 11.14
N ALA A 202 13.91 -19.26 11.93
CA ALA A 202 14.04 -17.82 12.21
C ALA A 202 14.85 -17.58 13.47
N THR A 203 15.56 -16.47 13.49
CA THR A 203 16.41 -16.07 14.64
C THR A 203 15.94 -14.70 15.13
N HIS A 204 15.05 -14.79 16.12
CA HIS A 204 14.42 -13.62 16.74
C HIS A 204 14.80 -13.41 18.18
N LYS A 205 15.04 -12.14 18.48
CA LYS A 205 15.43 -11.63 19.81
C LYS A 205 14.61 -12.31 20.91
N THR A 206 13.37 -12.55 20.57
CA THR A 206 12.38 -13.19 21.41
C THR A 206 12.99 -14.37 22.16
N SER A 207 13.18 -15.43 21.41
CA SER A 207 13.76 -16.69 21.89
C SER A 207 15.26 -16.72 21.51
N THR A 208 15.95 -17.63 22.15
CA THR A 208 17.39 -17.85 21.99
C THR A 208 17.68 -18.84 20.88
N SER A 209 16.93 -19.92 20.97
CA SER A 209 16.97 -21.05 20.04
C SER A 209 16.34 -20.60 18.73
N PRO A 210 17.07 -20.82 17.66
CA PRO A 210 16.55 -20.43 16.31
C PRO A 210 15.25 -21.24 16.23
N ILE A 211 14.20 -20.61 15.82
CA ILE A 211 12.88 -21.33 15.71
C ILE A 211 12.84 -21.93 14.32
N VAL A 212 12.66 -23.25 14.28
CA VAL A 212 12.69 -24.04 13.09
C VAL A 212 11.55 -24.86 12.55
N LYS A 213 10.67 -24.32 11.73
CA LYS A 213 9.59 -25.16 11.15
C LYS A 213 10.31 -25.90 10.01
N SER A 214 10.01 -27.17 9.84
CA SER A 214 10.65 -27.98 8.80
C SER A 214 9.73 -29.02 8.18
N PHE A 215 10.24 -29.63 7.13
CA PHE A 215 9.54 -30.65 6.35
C PHE A 215 10.51 -31.42 5.43
N ASN A 216 10.22 -32.71 5.38
CA ASN A 216 11.00 -33.65 4.54
C ASN A 216 9.99 -34.40 3.66
N ARG A 217 10.29 -34.44 2.40
CA ARG A 217 9.54 -35.09 1.31
C ARG A 217 10.02 -34.45 0.01
N ASN A 218 9.75 -35.05 -1.11
CA ASN A 218 10.16 -34.57 -2.44
C ASN A 218 9.99 -35.74 -3.45
N GLU A 219 10.35 -36.91 -2.93
CA GLU A 219 10.23 -38.16 -3.70
C GLU A 219 8.78 -38.15 -4.23
N CYS A 220 7.91 -38.09 -3.22
CA CYS A 220 6.45 -38.02 -3.46
C CYS A 220 6.20 -36.62 -4.04
N GLU B 1 -22.13 11.44 -0.04
CA GLU B 1 -22.34 10.92 -1.40
C GLU B 1 -21.42 11.61 -2.40
N VAL B 2 -20.43 12.32 -1.85
CA VAL B 2 -19.43 12.99 -2.73
C VAL B 2 -18.40 11.87 -2.97
N LYS B 3 -18.40 11.39 -4.19
CA LYS B 3 -17.54 10.31 -4.67
C LYS B 3 -16.71 10.71 -5.88
N LEU B 4 -15.47 10.26 -5.89
CA LEU B 4 -14.56 10.52 -7.04
C LEU B 4 -13.95 9.13 -7.36
N VAL B 5 -14.05 8.71 -8.59
CA VAL B 5 -13.49 7.39 -8.97
C VAL B 5 -12.72 7.57 -10.27
N GLU B 6 -11.43 7.34 -10.18
CA GLU B 6 -10.53 7.49 -11.34
C GLU B 6 -10.24 6.14 -11.99
N SER B 7 -9.95 6.20 -13.27
CA SER B 7 -9.68 4.98 -14.04
C SER B 7 -8.73 5.20 -15.21
N GLY B 8 -8.33 4.06 -15.75
CA GLY B 8 -7.44 3.94 -16.90
C GLY B 8 -5.99 4.11 -16.46
N GLY B 9 -5.33 3.00 -16.25
CA GLY B 9 -3.90 3.07 -15.80
C GLY B 9 -3.35 1.66 -15.76
N GLY B 10 -2.08 1.55 -16.08
CA GLY B 10 -1.40 0.24 -16.08
C GLY B 10 -0.09 0.36 -16.84
N LEU B 11 0.22 -0.71 -17.55
CA LEU B 11 1.45 -0.75 -18.34
C LEU B 11 1.31 0.21 -19.52
N VAL B 12 2.39 0.93 -19.75
CA VAL B 12 2.56 1.90 -20.81
C VAL B 12 4.08 1.98 -21.10
N GLN B 13 4.37 1.86 -22.38
CA GLN B 13 5.76 1.89 -22.89
C GLN B 13 6.20 3.35 -22.95
N PRO B 14 7.46 3.57 -22.65
CA PRO B 14 8.02 4.95 -22.69
C PRO B 14 7.66 5.48 -24.07
N GLY B 15 7.25 6.72 -24.14
CA GLY B 15 6.84 7.33 -25.42
C GLY B 15 5.33 7.16 -25.59
N GLY B 16 4.78 6.21 -24.88
CA GLY B 16 3.34 5.92 -24.93
C GLY B 16 2.55 7.10 -24.39
N SER B 17 1.25 6.89 -24.31
CA SER B 17 0.29 7.87 -23.84
C SER B 17 -0.82 7.15 -23.07
N LEU B 18 -1.52 7.93 -22.27
CA LEU B 18 -2.62 7.40 -21.47
C LEU B 18 -3.62 8.54 -21.25
N ARG B 19 -4.83 8.15 -20.92
CA ARG B 19 -5.92 9.07 -20.63
C ARG B 19 -6.63 8.52 -19.37
N LEU B 20 -6.21 9.07 -18.26
CA LEU B 20 -6.74 8.70 -16.92
C LEU B 20 -8.03 9.53 -16.85
N SER B 21 -9.01 9.03 -16.17
CA SER B 21 -10.28 9.81 -16.06
C SER B 21 -10.77 9.80 -14.63
N CYS B 22 -11.48 10.85 -14.26
CA CYS B 22 -12.03 10.97 -12.88
C CYS B 22 -13.53 11.22 -12.94
N ALA B 23 -14.27 10.20 -12.58
CA ALA B 23 -15.74 10.20 -12.53
C ALA B 23 -16.15 10.75 -11.16
N THR B 24 -16.65 11.94 -11.24
CA THR B 24 -17.10 12.74 -10.11
C THR B 24 -18.58 12.70 -9.86
N SER B 25 -19.04 12.18 -8.72
CA SER B 25 -20.50 12.16 -8.48
C SER B 25 -20.85 12.61 -7.06
N GLY B 26 -22.12 13.01 -6.95
CA GLY B 26 -22.74 13.49 -5.75
C GLY B 26 -22.56 14.95 -5.46
N PHE B 27 -22.24 15.76 -6.45
CA PHE B 27 -22.04 17.22 -6.23
C PHE B 27 -21.94 17.96 -7.57
N THR B 28 -22.05 19.27 -7.49
CA THR B 28 -21.96 20.16 -8.65
C THR B 28 -20.54 20.30 -9.19
N PHE B 29 -20.17 19.33 -10.01
CA PHE B 29 -18.86 19.24 -10.62
C PHE B 29 -18.47 20.57 -11.26
N SER B 30 -19.42 21.05 -12.02
CA SER B 30 -19.31 22.28 -12.79
C SER B 30 -18.90 23.48 -11.99
N ASP B 31 -18.42 23.34 -10.75
CA ASP B 31 -18.04 24.55 -10.00
C ASP B 31 -17.21 24.33 -8.75
N PHE B 32 -16.30 23.39 -8.87
CA PHE B 32 -15.31 23.00 -7.87
C PHE B 32 -13.98 22.81 -8.64
N TYR B 33 -12.93 23.25 -7.98
CA TYR B 33 -11.57 23.14 -8.58
C TYR B 33 -11.26 21.65 -8.53
N MET B 34 -10.81 21.08 -9.60
CA MET B 34 -10.48 19.61 -9.57
C MET B 34 -8.95 19.60 -9.56
N GLU B 35 -8.37 18.58 -8.98
CA GLU B 35 -6.92 18.48 -8.87
C GLU B 35 -6.40 17.08 -9.13
N TRP B 36 -5.21 17.03 -9.71
CA TRP B 36 -4.53 15.76 -10.02
C TRP B 36 -3.29 15.68 -9.13
N VAL B 37 -3.15 14.58 -8.46
CA VAL B 37 -2.01 14.34 -7.54
C VAL B 37 -1.48 12.95 -7.86
N ARG B 38 -0.17 12.79 -7.80
CA ARG B 38 0.48 11.50 -8.09
C ARG B 38 1.37 11.18 -6.89
N GLN B 39 1.65 9.89 -6.77
CA GLN B 39 2.48 9.37 -5.67
C GLN B 39 3.42 8.27 -6.12
N PRO B 40 4.64 8.68 -6.43
CA PRO B 40 5.71 7.74 -6.84
C PRO B 40 5.88 6.73 -5.71
N PRO B 41 6.52 5.61 -6.01
CA PRO B 41 6.72 4.51 -5.10
C PRO B 41 7.12 4.78 -3.68
N GLY B 42 8.23 5.47 -3.47
CA GLY B 42 8.63 5.74 -2.03
C GLY B 42 8.85 7.26 -1.95
N LYS B 43 7.77 7.98 -2.26
CA LYS B 43 7.84 9.44 -2.27
C LYS B 43 6.52 10.08 -1.85
N ARG B 44 6.69 11.35 -1.51
CA ARG B 44 5.62 12.22 -1.05
C ARG B 44 4.55 12.39 -2.13
N LEU B 45 3.46 13.01 -1.65
CA LEU B 45 2.36 13.27 -2.62
C LEU B 45 3.04 14.34 -3.49
N GLU B 46 2.70 14.38 -4.73
CA GLU B 46 3.24 15.35 -5.68
C GLU B 46 2.06 15.90 -6.48
N TRP B 47 1.91 17.19 -6.46
CA TRP B 47 0.82 17.85 -7.20
C TRP B 47 1.26 18.07 -8.66
N ILE B 48 0.32 17.79 -9.54
CA ILE B 48 0.56 17.94 -11.01
C ILE B 48 -0.38 18.93 -11.63
N ALA B 49 -1.42 18.56 -12.30
CA ALA B 49 -2.37 19.49 -12.93
C ALA B 49 -3.38 20.06 -11.93
N ALA B 50 -4.21 20.97 -12.44
CA ALA B 50 -5.27 21.67 -11.77
C ALA B 50 -6.25 22.32 -12.77
N SER B 51 -7.49 22.01 -12.58
CA SER B 51 -8.65 22.47 -13.34
C SER B 51 -9.36 23.53 -12.49
N ARG B 52 -10.27 24.29 -13.05
CA ARG B 52 -10.95 25.32 -12.22
C ARG B 52 -12.43 25.30 -12.38
N ASN B 53 -13.17 25.89 -11.44
CA ASN B 53 -14.65 25.88 -11.53
C ASN B 53 -15.12 26.78 -12.70
N LYS B 54 -16.24 26.34 -13.24
CA LYS B 54 -16.90 27.09 -14.35
C LYS B 54 -17.37 28.36 -13.58
N GLY B 55 -16.39 29.09 -13.13
CA GLY B 55 -16.66 30.31 -12.35
C GLY B 55 -15.66 31.36 -12.82
N ASN B 56 -14.51 30.83 -13.23
CA ASN B 56 -13.46 31.76 -13.71
C ASN B 56 -12.67 31.07 -14.81
N LYS B 57 -13.47 30.58 -15.77
CA LYS B 57 -12.91 29.88 -16.96
C LYS B 57 -12.14 28.66 -16.50
N TYR B 58 -12.58 27.50 -16.95
CA TYR B 58 -11.93 26.23 -16.57
C TYR B 58 -10.44 26.21 -16.90
N THR B 59 -9.76 27.20 -16.40
CA THR B 59 -8.33 27.44 -16.55
C THR B 59 -7.54 26.35 -15.86
N THR B 60 -6.31 26.14 -16.29
CA THR B 60 -5.44 25.11 -15.74
C THR B 60 -4.14 25.67 -15.21
N GLU B 61 -3.40 24.76 -14.63
CA GLU B 61 -2.06 25.02 -14.04
C GLU B 61 -1.40 23.64 -14.03
N TYR B 62 -0.13 23.58 -14.34
CA TYR B 62 0.54 22.26 -14.35
C TYR B 62 1.87 22.38 -13.61
N SER B 63 2.21 21.30 -12.94
CA SER B 63 3.48 21.23 -12.20
C SER B 63 4.57 21.31 -13.28
N ALA B 64 5.67 21.87 -12.90
CA ALA B 64 6.85 22.04 -13.76
C ALA B 64 7.30 20.68 -14.32
N SER B 65 7.16 19.70 -13.44
CA SER B 65 7.51 18.31 -13.66
C SER B 65 6.71 17.68 -14.79
N VAL B 66 5.61 18.33 -15.09
CA VAL B 66 4.68 17.87 -16.13
C VAL B 66 4.25 18.93 -17.10
N LYS B 67 4.55 20.18 -16.83
CA LYS B 67 4.13 21.27 -17.76
C LYS B 67 4.63 20.88 -19.16
N GLY B 68 3.71 20.70 -20.09
CA GLY B 68 4.04 20.36 -21.45
C GLY B 68 3.66 19.01 -22.01
N ARG B 69 3.69 17.97 -21.19
CA ARG B 69 3.35 16.61 -21.64
C ARG B 69 1.97 16.18 -21.21
N PHE B 70 1.54 16.59 -20.04
CA PHE B 70 0.18 16.24 -19.53
C PHE B 70 -0.78 17.36 -19.89
N ILE B 71 -2.06 17.06 -20.11
CA ILE B 71 -3.06 18.11 -20.45
C ILE B 71 -4.38 17.65 -19.83
N VAL B 72 -4.94 18.51 -19.01
CA VAL B 72 -6.17 18.35 -18.22
C VAL B 72 -7.41 18.98 -18.82
N SER B 73 -8.46 18.20 -18.91
CA SER B 73 -9.74 18.64 -19.47
C SER B 73 -10.92 18.14 -18.65
N ARG B 74 -12.11 18.61 -19.01
CA ARG B 74 -13.32 18.17 -18.29
C ARG B 74 -14.52 18.01 -19.22
N ASP B 75 -15.18 16.86 -19.10
CA ASP B 75 -16.40 16.58 -19.91
C ASP B 75 -17.53 17.08 -18.99
N THR B 76 -17.83 18.35 -19.10
CA THR B 76 -18.85 18.98 -18.26
C THR B 76 -20.22 18.33 -18.33
N SER B 77 -20.58 17.83 -19.49
CA SER B 77 -21.90 17.18 -19.66
C SER B 77 -21.98 15.92 -18.80
N GLN B 78 -20.88 15.19 -18.76
CA GLN B 78 -20.82 13.95 -17.99
C GLN B 78 -20.14 13.97 -16.67
N SER B 79 -19.69 15.11 -16.16
CA SER B 79 -19.04 15.21 -14.86
C SER B 79 -17.80 14.31 -14.72
N ILE B 80 -16.93 14.31 -15.70
CA ILE B 80 -15.70 13.52 -15.69
C ILE B 80 -14.50 14.46 -15.80
N LEU B 81 -13.45 14.16 -15.08
CA LEU B 81 -12.20 14.93 -15.11
C LEU B 81 -11.12 14.02 -15.75
N TYR B 82 -10.57 14.53 -16.85
CA TYR B 82 -9.54 13.87 -17.64
C TYR B 82 -8.12 14.40 -17.41
N LEU B 83 -7.18 13.50 -17.70
CA LEU B 83 -5.76 13.77 -17.61
C LEU B 83 -5.09 13.07 -18.83
N GLN B 84 -4.69 13.91 -19.76
CA GLN B 84 -4.02 13.42 -20.98
C GLN B 84 -2.52 13.39 -20.67
N MET B 85 -1.98 12.18 -20.67
CA MET B 85 -0.57 11.91 -20.38
C MET B 85 0.17 11.60 -21.68
N ASN B 86 0.96 12.55 -22.15
CA ASN B 86 1.75 12.43 -23.37
C ASN B 86 3.24 12.18 -23.07
N ALA B 87 3.82 11.36 -23.92
CA ALA B 87 5.24 11.03 -23.80
C ALA B 87 5.63 10.68 -22.37
N LEU B 88 5.13 9.54 -21.92
CA LEU B 88 5.44 9.08 -20.55
C LEU B 88 6.90 8.60 -20.51
N ARG B 89 7.42 8.67 -19.32
CA ARG B 89 8.81 8.22 -19.02
C ARG B 89 8.61 7.39 -17.74
N ALA B 90 9.63 6.70 -17.31
CA ALA B 90 9.56 5.86 -16.11
C ALA B 90 9.35 6.67 -14.85
N GLU B 91 9.84 7.90 -14.78
CA GLU B 91 9.66 8.72 -13.57
C GLU B 91 8.19 9.02 -13.30
N ASP B 92 7.34 8.83 -14.30
CA ASP B 92 5.90 9.06 -14.21
C ASP B 92 5.19 7.93 -13.47
N THR B 93 5.89 6.84 -13.20
CA THR B 93 5.23 5.72 -12.53
C THR B 93 4.86 6.09 -11.10
N ALA B 94 3.55 6.03 -10.89
CA ALA B 94 2.92 6.33 -9.60
C ALA B 94 1.41 6.08 -9.67
N ILE B 95 0.84 6.12 -8.48
CA ILE B 95 -0.59 5.96 -8.23
C ILE B 95 -1.18 7.36 -8.50
N TYR B 96 -2.19 7.45 -9.32
CA TYR B 96 -2.73 8.79 -9.59
C TYR B 96 -4.05 8.97 -8.85
N TYR B 97 -4.16 10.16 -8.30
CA TYR B 97 -5.34 10.55 -7.54
C TYR B 97 -5.92 11.86 -8.09
N CYS B 98 -7.23 11.91 -8.04
CA CYS B 98 -7.95 13.14 -8.48
C CYS B 98 -8.54 13.63 -7.15
N ALA B 99 -8.52 14.92 -6.92
CA ALA B 99 -9.04 15.49 -5.67
C ALA B 99 -9.89 16.72 -5.94
N ARG B 100 -10.71 17.01 -4.95
CA ARG B 100 -11.61 18.18 -4.98
C ARG B 100 -10.96 19.19 -4.01
N ASN B 101 -10.66 20.34 -4.55
CA ASN B 101 -10.01 21.43 -3.77
C ASN B 101 -11.18 22.35 -3.41
N TYR B 102 -11.71 22.01 -2.27
CA TYR B 102 -12.86 22.73 -1.70
C TYR B 102 -12.36 24.05 -1.11
N TYR B 103 -13.23 25.02 -1.05
CA TYR B 103 -12.89 26.33 -0.49
C TYR B 103 -14.12 26.85 0.25
N GLY B 104 -13.91 27.02 1.54
CA GLY B 104 -14.99 27.52 2.45
C GLY B 104 -14.44 28.84 3.03
N SER B 105 -13.72 28.65 4.09
CA SER B 105 -13.08 29.81 4.77
C SER B 105 -11.69 29.82 4.05
N THR B 106 -11.23 28.59 3.98
CA THR B 106 -9.95 28.16 3.41
C THR B 106 -10.10 27.10 2.35
N TRP B 107 -8.98 26.69 1.78
CA TRP B 107 -8.82 25.69 0.74
C TRP B 107 -8.16 24.44 1.39
N TYR B 108 -8.63 23.29 1.02
CA TYR B 108 -8.12 21.98 1.53
C TYR B 108 -8.73 20.91 0.65
N PHE B 109 -8.23 19.70 0.60
CA PHE B 109 -8.84 18.68 -0.29
C PHE B 109 -9.83 17.85 0.54
N ASP B 110 -11.10 18.08 0.31
CA ASP B 110 -12.15 17.39 1.06
C ASP B 110 -12.33 15.93 0.74
N VAL B 111 -12.37 15.59 -0.51
CA VAL B 111 -12.55 14.22 -1.01
C VAL B 111 -11.49 13.78 -2.01
N TRP B 112 -10.89 12.64 -1.78
CA TRP B 112 -9.84 12.02 -2.59
C TRP B 112 -10.37 10.75 -3.27
N GLY B 113 -9.71 10.41 -4.37
CA GLY B 113 -10.11 9.18 -5.12
C GLY B 113 -9.37 8.04 -4.38
N ALA B 114 -9.53 6.88 -4.96
CA ALA B 114 -8.94 5.62 -4.51
C ALA B 114 -7.56 5.45 -5.14
N GLY B 115 -7.43 6.12 -6.27
CA GLY B 115 -6.19 6.10 -7.05
C GLY B 115 -6.32 5.05 -8.16
N THR B 116 -5.33 5.13 -9.02
CA THR B 116 -5.17 4.26 -10.20
C THR B 116 -3.69 4.22 -10.54
N THR B 117 -3.14 3.03 -10.64
CA THR B 117 -1.74 2.81 -10.93
C THR B 117 -1.35 2.83 -12.40
N VAL B 118 -0.25 3.55 -12.62
CA VAL B 118 0.35 3.73 -13.96
C VAL B 118 1.84 3.39 -13.88
N THR B 119 2.18 2.34 -14.58
CA THR B 119 3.55 1.83 -14.68
C THR B 119 4.04 2.14 -16.10
N VAL B 120 5.04 2.98 -16.20
CA VAL B 120 5.59 3.30 -17.56
C VAL B 120 6.85 2.40 -17.60
N SER B 121 6.71 1.33 -18.35
CA SER B 121 7.78 0.35 -18.49
C SER B 121 7.97 -0.27 -19.86
N SER B 122 9.26 -0.54 -20.10
CA SER B 122 9.76 -1.14 -21.35
C SER B 122 9.29 -2.61 -21.42
N GLU B 123 9.28 -3.22 -20.25
CA GLU B 123 8.86 -4.60 -20.03
C GLU B 123 7.42 -4.82 -20.47
N SER B 124 6.96 -6.05 -20.30
CA SER B 124 5.59 -6.40 -20.71
C SER B 124 4.82 -7.26 -19.74
N ALA B 125 3.53 -6.95 -19.72
CA ALA B 125 2.54 -7.60 -18.87
C ALA B 125 2.63 -9.11 -18.95
N ARG B 126 2.44 -9.67 -17.78
CA ARG B 126 2.46 -11.10 -17.48
C ARG B 126 1.49 -11.28 -16.33
N ASN B 127 0.39 -11.98 -16.54
CA ASN B 127 -0.60 -12.21 -15.48
C ASN B 127 0.02 -13.19 -14.45
N PRO B 128 -0.39 -12.98 -13.23
CA PRO B 128 0.07 -13.84 -12.13
C PRO B 128 -0.44 -15.25 -12.45
N THR B 129 0.15 -16.22 -11.84
CA THR B 129 -0.26 -17.64 -12.02
C THR B 129 -0.49 -18.07 -10.58
N ILE B 130 -1.74 -18.37 -10.26
CA ILE B 130 -2.17 -18.74 -8.92
C ILE B 130 -2.02 -20.22 -8.59
N TYR B 131 -1.19 -20.45 -7.57
CA TYR B 131 -0.87 -21.79 -7.04
C TYR B 131 -1.44 -21.81 -5.61
N PRO B 132 -2.07 -22.93 -5.30
CA PRO B 132 -2.67 -23.13 -3.98
C PRO B 132 -1.57 -23.41 -2.96
N LEU B 133 -1.82 -22.94 -1.77
CA LEU B 133 -0.94 -23.08 -0.61
C LEU B 133 -1.70 -23.89 0.44
N THR B 134 -1.32 -25.15 0.47
CA THR B 134 -1.94 -26.14 1.37
C THR B 134 -0.96 -27.03 2.09
N LEU B 135 -1.40 -27.53 3.24
CA LEU B 135 -0.65 -28.41 4.11
C LEU B 135 -1.33 -29.78 4.21
N PRO B 136 -0.51 -30.80 3.98
CA PRO B 136 -1.01 -32.20 4.05
C PRO B 136 -1.37 -32.36 5.53
N PRO B 137 -2.50 -32.96 5.80
CA PRO B 137 -2.98 -33.15 7.18
C PRO B 137 -1.96 -33.90 8.02
N ALA B 138 -0.84 -33.25 8.24
CA ALA B 138 0.31 -33.72 9.00
C ALA B 138 1.19 -32.52 9.34
N LEU B 139 0.59 -31.35 9.12
CA LEU B 139 1.24 -30.06 9.35
C LEU B 139 0.25 -29.04 9.86
N SER B 140 -1.04 -29.29 9.62
CA SER B 140 -2.09 -28.35 10.07
C SER B 140 -2.36 -28.55 11.56
N SER B 141 -2.19 -27.46 12.29
CA SER B 141 -2.38 -27.48 13.74
C SER B 141 -3.76 -27.03 14.17
N ASP B 142 -4.48 -26.31 13.33
CA ASP B 142 -5.81 -25.77 13.72
C ASP B 142 -5.42 -24.56 14.64
N PRO B 143 -5.74 -23.37 14.20
CA PRO B 143 -6.43 -23.01 12.98
C PRO B 143 -5.68 -23.49 11.74
N VAL B 144 -6.46 -23.55 10.68
CA VAL B 144 -5.87 -23.99 9.39
C VAL B 144 -5.16 -22.73 8.86
N ILE B 145 -4.23 -22.95 7.99
CA ILE B 145 -3.44 -21.89 7.34
C ILE B 145 -3.58 -22.29 5.84
N ILE B 146 -3.93 -21.31 5.07
CA ILE B 146 -4.13 -21.54 3.60
C ILE B 146 -3.66 -20.24 2.99
N GLY B 147 -3.40 -20.28 1.71
CA GLY B 147 -2.93 -19.06 1.01
C GLY B 147 -2.95 -19.27 -0.50
N CYS B 148 -2.52 -18.24 -1.19
CA CYS B 148 -2.41 -18.15 -2.64
C CYS B 148 -1.06 -17.54 -3.01
N LEU B 149 -0.27 -18.32 -3.71
CA LEU B 149 1.06 -17.83 -4.17
C LEU B 149 0.70 -17.18 -5.53
N ILE B 150 0.81 -15.88 -5.54
CA ILE B 150 0.49 -15.11 -6.81
C ILE B 150 1.89 -14.91 -7.36
N HIS B 151 2.14 -15.63 -8.44
CA HIS B 151 3.43 -15.72 -9.06
C HIS B 151 3.77 -15.36 -10.46
N ASP B 152 4.93 -14.71 -10.54
CA ASP B 152 5.56 -14.30 -11.82
C ASP B 152 4.62 -13.44 -12.63
N TYR B 153 4.44 -12.21 -12.18
CA TYR B 153 3.55 -11.27 -12.87
C TYR B 153 4.25 -9.93 -13.07
N PHE B 154 3.65 -9.16 -13.95
CA PHE B 154 4.16 -7.84 -14.32
C PHE B 154 3.01 -7.05 -14.97
N PRO B 155 2.86 -5.80 -14.58
CA PRO B 155 3.68 -5.11 -13.58
C PRO B 155 3.21 -5.43 -12.18
N SER B 156 3.72 -4.70 -11.21
CA SER B 156 3.38 -4.81 -9.79
C SER B 156 2.05 -4.08 -9.59
N GLY B 157 2.10 -2.81 -9.94
CA GLY B 157 0.94 -1.92 -9.87
C GLY B 157 0.16 -2.15 -8.59
N THR B 158 -1.11 -2.43 -8.75
CA THR B 158 -2.01 -2.67 -7.60
C THR B 158 -2.66 -4.04 -7.65
N MET B 159 -2.50 -4.75 -6.54
CA MET B 159 -3.02 -6.10 -6.35
C MET B 159 -3.82 -6.17 -5.05
N ASN B 160 -5.12 -6.29 -5.25
CA ASN B 160 -6.11 -6.41 -4.16
C ASN B 160 -6.45 -7.90 -4.06
N VAL B 161 -6.36 -8.51 -2.90
CA VAL B 161 -6.68 -9.96 -2.78
C VAL B 161 -7.75 -10.11 -1.68
N THR B 162 -8.76 -10.87 -2.03
CA THR B 162 -9.90 -11.13 -1.13
C THR B 162 -10.27 -12.60 -1.12
N TRP B 163 -10.78 -13.05 0.01
CA TRP B 163 -11.17 -14.46 0.17
C TRP B 163 -12.68 -14.61 0.32
N GLY B 164 -13.16 -15.81 0.02
CA GLY B 164 -14.59 -16.13 0.09
C GLY B 164 -14.96 -16.55 1.49
N LYS B 165 -14.37 -15.84 2.43
CA LYS B 165 -14.61 -16.15 3.86
C LYS B 165 -14.28 -14.95 4.70
N SER B 166 -15.14 -14.67 5.66
CA SER B 166 -14.97 -13.51 6.57
C SER B 166 -15.76 -13.73 7.85
N GLY B 167 -15.41 -12.94 8.86
CA GLY B 167 -16.09 -13.03 10.18
C GLY B 167 -15.09 -12.82 11.31
N LYS B 168 -15.51 -13.29 12.47
CA LYS B 168 -14.69 -13.20 13.70
C LYS B 168 -13.34 -13.81 13.40
N ASP B 169 -13.13 -15.07 13.77
CA ASP B 169 -11.85 -15.71 13.51
C ASP B 169 -11.72 -15.99 11.98
N ILE B 170 -10.86 -15.23 11.36
CA ILE B 170 -10.48 -15.26 9.99
C ILE B 170 -9.51 -14.05 9.76
N THR B 171 -8.28 -14.42 9.55
CA THR B 171 -7.23 -13.42 9.31
C THR B 171 -6.69 -13.53 7.89
N THR B 172 -6.40 -12.37 7.35
CA THR B 172 -5.85 -12.26 5.99
C THR B 172 -4.54 -11.46 6.06
N VAL B 173 -3.55 -12.01 5.39
CA VAL B 173 -2.22 -11.36 5.33
C VAL B 173 -1.80 -11.38 3.86
N ASN B 174 -1.62 -10.18 3.37
CA ASN B 174 -1.20 -9.94 1.97
C ASN B 174 0.20 -9.33 2.07
N PHE B 175 1.16 -10.08 1.57
CA PHE B 175 2.57 -9.61 1.61
C PHE B 175 2.80 -8.81 0.36
N PRO B 176 3.58 -7.75 0.48
CA PRO B 176 3.89 -6.89 -0.68
C PRO B 176 4.67 -7.72 -1.70
N PRO B 177 4.66 -7.22 -2.92
CA PRO B 177 5.34 -7.86 -4.05
C PRO B 177 6.86 -7.83 -3.85
N ALA B 178 7.47 -8.85 -4.40
CA ALA B 178 8.92 -9.03 -4.34
C ALA B 178 9.41 -9.30 -5.77
N LEU B 179 10.42 -8.54 -6.14
CA LEU B 179 11.04 -8.66 -7.48
C LEU B 179 11.94 -9.91 -7.41
N ALA B 180 11.55 -10.93 -8.13
CA ALA B 180 12.27 -12.21 -8.19
C ALA B 180 13.44 -12.16 -9.16
N SER B 181 13.64 -13.27 -9.85
CA SER B 181 14.71 -13.45 -10.87
C SER B 181 13.99 -13.66 -12.22
N GLY B 182 14.05 -12.58 -12.95
CA GLY B 182 13.41 -12.48 -14.29
C GLY B 182 13.06 -10.96 -14.35
N GLY B 183 12.99 -10.48 -13.10
CA GLY B 183 12.66 -9.04 -12.88
C GLY B 183 11.13 -8.96 -12.94
N ARG B 184 10.54 -10.00 -12.44
CA ARG B 184 9.08 -10.17 -12.36
C ARG B 184 8.76 -10.36 -10.87
N TYR B 185 7.55 -9.97 -10.51
CA TYR B 185 7.11 -10.04 -9.12
C TYR B 185 6.38 -11.29 -8.70
N THR B 186 6.44 -11.50 -7.39
CA THR B 186 5.82 -12.57 -6.67
C THR B 186 5.28 -11.99 -5.35
N MET B 187 4.14 -12.54 -5.00
CA MET B 187 3.42 -12.17 -3.76
C MET B 187 2.69 -13.41 -3.26
N SER B 188 2.30 -13.36 -2.00
CA SER B 188 1.58 -14.45 -1.33
C SER B 188 0.53 -13.81 -0.42
N ASN B 189 -0.53 -14.58 -0.28
CA ASN B 189 -1.70 -14.14 0.54
C ASN B 189 -2.22 -15.32 1.34
N GLN B 190 -2.02 -15.30 2.64
CA GLN B 190 -2.46 -16.40 3.51
C GLN B 190 -3.71 -15.98 4.30
N LEU B 191 -4.56 -16.98 4.45
CA LEU B 191 -5.81 -16.89 5.19
C LEU B 191 -5.74 -17.98 6.28
N THR B 192 -6.04 -17.51 7.47
CA THR B 192 -6.06 -18.35 8.68
C THR B 192 -7.49 -18.25 9.22
N LEU B 193 -8.03 -19.40 9.59
CA LEU B 193 -9.41 -19.47 10.09
C LEU B 193 -9.66 -20.76 10.86
N PRO B 194 -10.73 -20.73 11.64
CA PRO B 194 -11.15 -21.88 12.46
C PRO B 194 -11.22 -23.15 11.61
N ALA B 195 -10.58 -24.17 12.15
CA ALA B 195 -10.49 -25.49 11.54
C ALA B 195 -11.86 -26.03 11.15
N VAL B 196 -12.88 -25.54 11.82
CA VAL B 196 -14.27 -25.94 11.59
C VAL B 196 -14.92 -25.07 10.50
N GLU B 197 -14.14 -24.12 10.05
CA GLU B 197 -14.57 -23.18 9.01
C GLU B 197 -13.77 -23.55 7.76
N CYS B 198 -13.05 -24.65 7.96
CA CYS B 198 -12.22 -25.17 6.86
C CYS B 198 -11.98 -26.66 6.97
N PRO B 199 -13.10 -27.39 7.04
CA PRO B 199 -13.09 -28.84 7.14
C PRO B 199 -12.36 -29.47 5.97
N GLU B 200 -13.01 -30.38 5.29
CA GLU B 200 -12.44 -31.11 4.16
C GLU B 200 -13.22 -31.05 2.88
N GLY B 201 -12.47 -31.23 1.80
CA GLY B 201 -13.04 -31.21 0.43
C GLY B 201 -13.98 -30.00 0.35
N GLU B 202 -13.60 -29.00 1.15
CA GLU B 202 -14.39 -27.76 1.16
C GLU B 202 -13.73 -26.80 0.20
N SER B 203 -12.88 -25.94 0.69
CA SER B 203 -12.13 -24.96 -0.07
C SER B 203 -12.74 -23.56 0.11
N VAL B 204 -11.84 -22.63 -0.10
CA VAL B 204 -12.02 -21.19 -0.05
C VAL B 204 -11.33 -20.68 -1.36
N LYS B 205 -11.99 -19.78 -1.99
CA LYS B 205 -11.48 -19.18 -3.24
C LYS B 205 -10.89 -17.84 -2.85
N CYS B 206 -9.76 -17.56 -3.45
CA CYS B 206 -9.04 -16.29 -3.21
C CYS B 206 -9.18 -15.57 -4.57
N SER B 207 -9.39 -14.28 -4.50
CA SER B 207 -9.58 -13.47 -5.70
C SER B 207 -8.52 -12.42 -5.87
N VAL B 208 -7.90 -12.41 -7.03
CA VAL B 208 -6.85 -11.44 -7.41
C VAL B 208 -7.45 -10.40 -8.36
N GLN B 209 -7.28 -9.14 -8.02
CA GLN B 209 -7.72 -7.97 -8.80
C GLN B 209 -6.41 -7.14 -8.97
N HIS B 210 -5.90 -7.18 -10.16
CA HIS B 210 -4.64 -6.52 -10.54
C HIS B 210 -4.78 -5.37 -11.50
N ASP B 211 -4.36 -4.20 -11.03
CA ASP B 211 -4.40 -2.94 -11.79
C ASP B 211 -5.87 -2.79 -12.27
N SER B 212 -6.00 -2.64 -13.55
CA SER B 212 -7.25 -2.47 -14.26
C SER B 212 -7.81 -3.73 -14.87
N ASN B 213 -7.15 -4.87 -14.73
CA ASN B 213 -7.60 -6.13 -15.30
C ASN B 213 -8.68 -6.89 -14.53
N PRO B 214 -9.34 -7.78 -15.29
CA PRO B 214 -10.38 -8.66 -14.75
C PRO B 214 -9.83 -9.51 -13.61
N VAL B 215 -10.76 -10.01 -12.82
CA VAL B 215 -10.51 -10.86 -11.67
C VAL B 215 -9.94 -12.23 -12.12
N GLN B 216 -9.14 -12.76 -11.24
CA GLN B 216 -8.47 -14.06 -11.37
C GLN B 216 -8.72 -14.71 -9.99
N GLU B 217 -9.19 -15.92 -10.01
CA GLU B 217 -9.49 -16.60 -8.72
C GLU B 217 -9.17 -18.07 -8.74
N LEU B 218 -8.73 -18.59 -7.61
CA LEU B 218 -8.36 -19.99 -7.43
C LEU B 218 -9.15 -20.57 -6.26
N ASP B 219 -9.34 -21.86 -6.28
CA ASP B 219 -10.07 -22.56 -5.19
C ASP B 219 -8.98 -23.35 -4.41
N VAL B 220 -8.80 -22.96 -3.16
CA VAL B 220 -7.82 -23.58 -2.29
C VAL B 220 -8.49 -24.45 -1.22
N ASN B 221 -8.07 -25.71 -1.23
CA ASN B 221 -8.53 -26.74 -0.31
C ASN B 221 -8.00 -26.53 1.12
N CYS B 222 -8.89 -26.76 2.07
CA CYS B 222 -8.46 -26.61 3.49
C CYS B 222 -7.48 -27.80 3.74
P1 PC C . -6.02 30.76 -7.81
O1 PC C . -6.22 29.26 -7.62
O3 PC C . -4.70 31.06 -8.43
O4 PC C . -7.29 31.33 -8.32
O2 PC C . -5.82 31.21 -6.27
C1 PC C . -6.00 30.17 -5.31
C2 PC C . -5.18 28.93 -5.65
N1 PC C . -5.69 27.73 -4.88
C3 PC C . -7.10 27.49 -5.19
C4 PC C . -4.84 26.50 -5.17
C5 PC C . -5.56 28.09 -3.42
#